data_8XB0
#
_entry.id   8XB0
#
_cell.length_a   68.276
_cell.length_b   94.105
_cell.length_c   117.011
_cell.angle_alpha   90.00
_cell.angle_beta   90.00
_cell.angle_gamma   90.00
#
_symmetry.space_group_name_H-M   'I 2 2 2'
#
loop_
_entity.id
_entity.type
_entity.pdbx_description
1 polymer 'S-adenosylmethionine synthase isoform type-2'
2 non-polymer 1,2-ETHANEDIOL
3 non-polymer 7-chloranyl-5-(2-cyclopropylpyridin-3-yl)-8-fluoranyl-2-methyl-pyrazolo[3,4-c]quinolin-4-one
4 non-polymer S-ADENOSYLMETHIONINE
5 non-polymer 'CHLORIDE ION'
6 non-polymer 'SODIUM ION'
7 water water
#
_entity_poly.entity_id   1
_entity_poly.type   'polypeptide(L)'
_entity_poly.pdbx_seq_one_letter_code
;MHHHHHHENLYFQSMNGQLNGFHEAFIEEGTFLFTSESVGEGHPDKICDQISDAVLDAHLQQDPDAKVACETVAKTGMIL
LAGEITSRAAVDYQKVVREAVKHIGYDDSSKGFDYKTCNVLVALEQQSPDIAQGVHLDRNEEDIGAGDQGLMFGYATDET
EECMPLTIVLAHKLNAKLAELRRNGTLPWLRPDSKTQVTVQYMQDRGAVLPIRVHTIVISVQHDEEVCLDEMRDALKEKV
IKAVVPAKYLDEDTIYHLQPSGRFVIGGPQGDAGLTGRKIIVDTYGGWGAHGGGAFSGKDYTKVDRSAAYAARWVAKSLV
KGGLCRRVLVQVSYAIGVSHPLSISIFHYGTSQKSERELLEIVKKNFDLRPGVIVRDLDLKKPIYQRTAAYGHFGRDSFP
WEVPKKLKY
;
_entity_poly.pdbx_strand_id   A
#
loop_
_chem_comp.id
_chem_comp.type
_chem_comp.name
_chem_comp.formula
CL non-polymer 'CHLORIDE ION' 'Cl -1'
EDO non-polymer 1,2-ETHANEDIOL 'C2 H6 O2'
NA non-polymer 'SODIUM ION' 'Na 1'
SAM non-polymer S-ADENOSYLMETHIONINE 'C15 H22 N6 O5 S'
YN8 non-polymer 7-chloranyl-5-(2-cyclopropylpyridin-3-yl)-8-fluoranyl-2-methyl-pyrazolo[3,4-c]quinolin-4-one 'C19 H14 Cl F N4 O'
#
# COMPACT_ATOMS: atom_id res chain seq x y z
N GLY A 30 -22.32 -13.20 -18.10
CA GLY A 30 -22.15 -12.52 -16.80
C GLY A 30 -20.70 -12.52 -16.30
N THR A 31 -19.80 -13.26 -16.96
CA THR A 31 -18.43 -13.30 -16.48
C THR A 31 -17.62 -12.18 -17.11
N PHE A 32 -16.56 -11.81 -16.39
CA PHE A 32 -15.64 -10.80 -16.86
C PHE A 32 -14.26 -11.09 -16.28
N LEU A 33 -13.23 -10.50 -16.90
CA LEU A 33 -11.87 -10.57 -16.41
C LEU A 33 -11.52 -9.29 -15.66
N PHE A 34 -10.64 -9.44 -14.66
CA PHE A 34 -10.06 -8.26 -14.05
C PHE A 34 -8.62 -8.60 -13.66
N THR A 35 -7.73 -7.61 -13.86
CA THR A 35 -6.30 -7.79 -13.64
C THR A 35 -5.81 -6.80 -12.58
N SER A 36 -4.96 -7.30 -11.67
CA SER A 36 -4.21 -6.46 -10.74
C SER A 36 -2.74 -6.88 -10.72
N GLU A 37 -1.86 -5.96 -10.32
CA GLU A 37 -0.44 -6.27 -10.18
C GLU A 37 0.04 -5.96 -8.77
N SER A 38 1.21 -6.50 -8.46
CA SER A 38 1.95 -6.16 -7.27
C SER A 38 3.44 -6.16 -7.59
N VAL A 39 4.24 -5.58 -6.69
CA VAL A 39 5.69 -5.60 -6.87
C VAL A 39 6.34 -6.03 -5.56
N GLY A 40 7.60 -6.45 -5.69
CA GLY A 40 8.38 -6.90 -4.55
C GLY A 40 9.07 -5.77 -3.79
N GLU A 41 9.68 -6.15 -2.67
CA GLU A 41 10.36 -5.21 -1.79
C GLU A 41 11.52 -4.51 -2.49
N GLY A 42 12.14 -5.17 -3.46
CA GLY A 42 13.28 -4.60 -4.15
C GLY A 42 12.94 -3.93 -5.47
N HIS A 43 11.64 -3.85 -5.81
CA HIS A 43 11.24 -3.02 -6.93
C HIS A 43 11.66 -1.59 -6.63
N PRO A 44 12.32 -0.87 -7.57
N PRO A 44 12.26 -0.85 -7.58
CA PRO A 44 12.86 0.47 -7.26
CA PRO A 44 12.87 0.43 -7.23
C PRO A 44 11.87 1.45 -6.64
C PRO A 44 11.91 1.50 -6.72
N ASP A 45 10.65 1.51 -7.19
CA ASP A 45 9.66 2.41 -6.64
C ASP A 45 9.34 2.02 -5.19
N LYS A 46 9.18 0.70 -4.97
CA LYS A 46 8.88 0.23 -3.62
C LYS A 46 10.05 0.44 -2.66
N ILE A 47 11.29 0.36 -3.13
CA ILE A 47 12.44 0.70 -2.29
C ILE A 47 12.24 2.11 -1.74
N CYS A 48 11.85 3.03 -2.63
CA CYS A 48 11.66 4.42 -2.26
C CYS A 48 10.56 4.58 -1.22
N ASP A 49 9.42 3.89 -1.41
CA ASP A 49 8.35 3.95 -0.42
C ASP A 49 8.83 3.46 0.95
N GLN A 50 9.57 2.35 0.97
CA GLN A 50 10.05 1.80 2.22
C GLN A 50 11.06 2.72 2.91
N ILE A 51 11.96 3.34 2.14
CA ILE A 51 12.91 4.27 2.72
C ILE A 51 12.19 5.50 3.27
N SER A 52 11.25 6.05 2.50
CA SER A 52 10.47 7.20 2.94
C SER A 52 9.79 6.90 4.29
N ASP A 53 9.21 5.70 4.41
CA ASP A 53 8.56 5.34 5.65
C ASP A 53 9.53 4.95 6.77
N ALA A 54 10.72 4.45 6.44
CA ALA A 54 11.77 4.26 7.45
C ALA A 54 12.17 5.61 8.04
N VAL A 55 12.26 6.63 7.20
CA VAL A 55 12.58 7.98 7.66
C VAL A 55 11.47 8.53 8.55
N LEU A 56 10.21 8.36 8.11
CA LEU A 56 9.08 8.78 8.92
C LEU A 56 9.11 8.11 10.29
N ASP A 57 9.27 6.78 10.30
CA ASP A 57 9.28 6.03 11.56
C ASP A 57 10.42 6.51 12.46
N ALA A 58 11.60 6.76 11.89
CA ALA A 58 12.73 7.22 12.69
C ALA A 58 12.42 8.54 13.39
N HIS A 59 11.76 9.45 12.67
CA HIS A 59 11.33 10.70 13.28
C HIS A 59 10.29 10.47 14.38
N LEU A 60 9.27 9.66 14.09
CA LEU A 60 8.18 9.45 15.04
C LEU A 60 8.62 8.76 16.31
N GLN A 61 9.69 7.95 16.23
N GLN A 61 9.67 7.92 16.24
CA GLN A 61 10.23 7.27 17.39
CA GLN A 61 10.20 7.28 17.43
C GLN A 61 10.74 8.26 18.44
C GLN A 61 10.55 8.36 18.47
N GLN A 62 11.18 9.44 18.01
CA GLN A 62 11.68 10.48 18.90
C GLN A 62 10.70 11.63 19.10
N ASP A 63 9.94 11.96 18.05
CA ASP A 63 9.03 13.10 18.06
C ASP A 63 7.70 12.67 17.44
N PRO A 64 6.72 12.26 18.26
CA PRO A 64 5.43 11.81 17.72
C PRO A 64 4.71 12.84 16.87
N ASP A 65 5.06 14.12 17.02
CA ASP A 65 4.43 15.20 16.28
C ASP A 65 5.28 15.70 15.11
N ALA A 66 6.28 14.92 14.69
CA ALA A 66 7.08 15.30 13.54
C ALA A 66 6.20 15.56 12.32
N LYS A 67 6.54 16.61 11.57
CA LYS A 67 5.93 16.93 10.29
C LYS A 67 6.88 16.43 9.22
N VAL A 68 6.44 15.43 8.45
CA VAL A 68 7.31 14.71 7.54
C VAL A 68 6.64 14.63 6.17
N ALA A 69 7.43 14.96 5.15
CA ALA A 69 7.05 14.86 3.75
C ALA A 69 8.30 14.45 2.97
N CYS A 70 8.70 13.19 3.12
CA CYS A 70 9.99 12.71 2.65
C CYS A 70 9.82 11.90 1.37
N GLU A 71 10.27 12.46 0.24
CA GLU A 71 10.34 11.76 -1.02
C GLU A 71 11.71 11.11 -1.16
N THR A 72 11.73 9.94 -1.77
CA THR A 72 12.95 9.22 -2.05
C THR A 72 13.02 8.98 -3.57
N VAL A 73 14.23 9.10 -4.11
CA VAL A 73 14.53 8.79 -5.49
C VAL A 73 15.67 7.80 -5.50
N ALA A 74 15.58 6.78 -6.36
CA ALA A 74 16.62 5.77 -6.46
C ALA A 74 17.01 5.56 -7.91
N LYS A 75 18.32 5.57 -8.16
CA LYS A 75 18.87 5.20 -9.46
C LYS A 75 20.20 4.51 -9.17
N THR A 76 20.89 4.02 -10.19
CA THR A 76 22.14 3.31 -9.99
C THR A 76 23.00 4.01 -8.94
N GLY A 77 23.29 3.30 -7.85
CA GLY A 77 24.22 3.77 -6.85
C GLY A 77 23.72 4.91 -5.97
N MET A 78 22.44 5.34 -6.08
CA MET A 78 22.01 6.56 -5.44
C MET A 78 20.66 6.39 -4.76
N ILE A 79 20.60 6.81 -3.49
CA ILE A 79 19.36 7.18 -2.83
C ILE A 79 19.42 8.67 -2.52
N LEU A 80 18.45 9.42 -3.04
CA LEU A 80 18.29 10.83 -2.72
C LEU A 80 17.02 11.01 -1.90
N LEU A 81 17.13 11.71 -0.76
CA LEU A 81 15.98 12.15 0.01
C LEU A 81 15.70 13.62 -0.31
N ALA A 82 14.46 13.94 -0.66
CA ALA A 82 14.08 15.31 -0.97
C ALA A 82 12.74 15.58 -0.34
N GLY A 83 12.56 16.76 0.23
CA GLY A 83 11.28 17.06 0.86
C GLY A 83 11.46 17.93 2.09
N GLU A 84 10.47 17.81 2.99
CA GLU A 84 10.29 18.75 4.06
C GLU A 84 10.02 18.02 5.36
N ILE A 85 10.87 18.29 6.35
CA ILE A 85 10.71 17.69 7.68
C ILE A 85 10.95 18.77 8.72
N THR A 86 9.99 18.93 9.64
CA THR A 86 10.17 19.73 10.84
C THR A 86 9.92 18.82 12.03
N SER A 87 10.97 18.62 12.84
CA SER A 87 10.98 17.58 13.84
C SER A 87 12.01 17.91 14.91
N ARG A 88 11.72 17.49 16.15
CA ARG A 88 12.69 17.58 17.23
C ARG A 88 13.63 16.38 17.25
N ALA A 89 13.42 15.39 16.37
CA ALA A 89 14.26 14.21 16.35
C ALA A 89 15.65 14.54 15.81
N ALA A 90 16.64 13.74 16.23
CA ALA A 90 17.96 13.74 15.62
C ALA A 90 18.10 12.41 14.89
N VAL A 91 18.02 12.46 13.56
CA VAL A 91 17.95 11.26 12.75
C VAL A 91 19.22 11.16 11.90
N ASP A 92 19.84 9.98 11.93
CA ASP A 92 21.00 9.67 11.11
C ASP A 92 20.50 9.09 9.80
N TYR A 93 20.35 9.95 8.77
CA TYR A 93 19.78 9.53 7.50
C TYR A 93 20.64 8.46 6.83
N GLN A 94 21.96 8.57 6.93
CA GLN A 94 22.83 7.56 6.34
C GLN A 94 22.47 6.18 6.89
N LYS A 95 22.36 6.07 8.21
CA LYS A 95 22.07 4.80 8.86
C LYS A 95 20.67 4.31 8.50
N VAL A 96 19.67 5.20 8.56
CA VAL A 96 18.31 4.77 8.33
C VAL A 96 18.16 4.24 6.91
N VAL A 97 18.67 4.99 5.94
CA VAL A 97 18.56 4.58 4.55
C VAL A 97 19.26 3.24 4.33
N ARG A 98 20.51 3.15 4.80
CA ARG A 98 21.29 1.97 4.48
C ARG A 98 20.71 0.74 5.17
N GLU A 99 20.19 0.87 6.39
CA GLU A 99 19.56 -0.26 7.05
C GLU A 99 18.31 -0.73 6.30
N ALA A 100 17.55 0.20 5.72
CA ALA A 100 16.36 -0.19 4.96
C ALA A 100 16.76 -0.98 3.72
N VAL A 101 17.82 -0.53 3.03
CA VAL A 101 18.28 -1.20 1.83
C VAL A 101 18.84 -2.58 2.16
N LYS A 102 19.56 -2.67 3.28
N LYS A 102 19.55 -2.69 3.28
CA LYS A 102 20.06 -3.93 3.79
CA LYS A 102 20.06 -3.98 3.74
C LYS A 102 18.91 -4.93 3.97
C LYS A 102 18.90 -4.95 3.97
N HIS A 103 17.84 -4.48 4.64
CA HIS A 103 16.70 -5.33 4.93
C HIS A 103 16.07 -5.89 3.65
N ILE A 104 15.98 -5.04 2.63
CA ILE A 104 15.41 -5.40 1.34
C ILE A 104 16.24 -6.48 0.66
N GLY A 105 17.56 -6.42 0.84
CA GLY A 105 18.44 -7.48 0.37
C GLY A 105 19.50 -7.02 -0.63
N TYR A 106 19.62 -5.71 -0.87
CA TYR A 106 20.64 -5.21 -1.79
C TYR A 106 21.94 -4.96 -1.03
N ASP A 107 22.80 -5.98 -1.04
CA ASP A 107 23.97 -6.02 -0.19
C ASP A 107 25.25 -6.40 -0.94
N ASP A 108 25.28 -6.23 -2.26
CA ASP A 108 26.48 -6.55 -3.01
C ASP A 108 26.40 -6.01 -4.42
N SER A 109 27.55 -5.57 -4.95
CA SER A 109 27.56 -5.02 -6.28
C SER A 109 27.12 -6.07 -7.31
N SER A 110 27.25 -7.38 -7.01
CA SER A 110 26.80 -8.41 -7.93
C SER A 110 25.29 -8.37 -8.17
N LYS A 111 24.54 -7.81 -7.20
CA LYS A 111 23.08 -7.73 -7.25
C LYS A 111 22.61 -6.42 -7.86
N GLY A 112 23.56 -5.51 -8.14
CA GLY A 112 23.27 -4.25 -8.80
C GLY A 112 23.15 -3.07 -7.84
N PHE A 113 23.20 -3.31 -6.53
CA PHE A 113 23.00 -2.25 -5.54
C PHE A 113 23.49 -2.80 -4.21
N ASP A 114 24.15 -1.93 -3.42
CA ASP A 114 24.73 -2.34 -2.16
C ASP A 114 24.54 -1.24 -1.12
N TYR A 115 23.84 -1.52 -0.03
CA TYR A 115 23.64 -0.56 1.04
C TYR A 115 24.96 -0.06 1.62
N LYS A 116 26.02 -0.88 1.57
CA LYS A 116 27.26 -0.49 2.22
C LYS A 116 27.97 0.62 1.45
N THR A 117 27.78 0.67 0.13
CA THR A 117 28.65 1.46 -0.74
C THR A 117 27.89 2.41 -1.65
N CYS A 118 26.56 2.48 -1.57
CA CYS A 118 25.81 3.41 -2.40
C CYS A 118 25.98 4.83 -1.87
N ASN A 119 25.62 5.79 -2.71
CA ASN A 119 25.56 7.20 -2.37
C ASN A 119 24.21 7.49 -1.72
N VAL A 120 24.21 8.17 -0.57
CA VAL A 120 23.01 8.70 0.04
C VAL A 120 23.15 10.22 0.09
N LEU A 121 22.27 10.91 -0.65
CA LEU A 121 22.26 12.37 -0.78
C LEU A 121 21.00 12.88 -0.10
N VAL A 122 21.09 14.01 0.60
CA VAL A 122 19.98 14.56 1.35
C VAL A 122 19.72 16.01 0.94
N ALA A 123 18.48 16.29 0.50
CA ALA A 123 17.99 17.62 0.15
C ALA A 123 16.70 17.88 0.91
N LEU A 124 16.82 17.92 2.23
CA LEU A 124 15.69 18.08 3.12
C LEU A 124 15.73 19.45 3.77
N GLU A 125 14.59 20.12 3.79
N GLU A 125 14.58 20.10 3.79
CA GLU A 125 14.45 21.40 4.46
CA GLU A 125 14.40 21.40 4.39
C GLU A 125 13.26 21.33 5.39
C GLU A 125 13.32 21.29 5.46
N GLN A 126 13.09 22.38 6.20
CA GLN A 126 11.94 22.48 7.07
C GLN A 126 10.64 22.55 6.26
N GLN A 127 9.53 22.15 6.89
CA GLN A 127 8.22 22.41 6.34
C GLN A 127 8.05 23.91 6.11
N SER A 128 7.44 24.25 4.97
CA SER A 128 7.12 25.64 4.68
C SER A 128 6.40 26.27 5.87
N PRO A 129 6.90 27.41 6.40
N PRO A 129 6.83 27.44 6.38
CA PRO A 129 6.17 28.14 7.43
CA PRO A 129 6.12 28.08 7.48
C PRO A 129 4.76 28.53 7.03
C PRO A 129 4.75 28.58 7.04
N ASP A 130 4.54 28.78 5.73
CA ASP A 130 3.22 29.16 5.25
C ASP A 130 2.24 27.99 5.39
N ILE A 131 2.68 26.77 5.07
CA ILE A 131 1.86 25.59 5.30
C ILE A 131 1.63 25.43 6.80
N ALA A 132 2.70 25.50 7.59
CA ALA A 132 2.58 25.23 9.02
C ALA A 132 1.53 26.15 9.65
N GLN A 133 1.59 27.44 9.32
CA GLN A 133 0.68 28.39 9.95
C GLN A 133 -0.77 28.14 9.51
N GLY A 134 -0.96 27.62 8.29
CA GLY A 134 -2.30 27.41 7.78
C GLY A 134 -2.92 26.08 8.21
N VAL A 135 -2.08 25.13 8.66
CA VAL A 135 -2.53 23.78 8.94
C VAL A 135 -2.61 23.52 10.44
N HIS A 136 -1.52 23.76 11.17
CA HIS A 136 -1.42 23.22 12.52
C HIS A 136 -0.93 24.20 13.60
N LEU A 137 -0.19 25.25 13.26
N LEU A 137 -0.28 25.31 13.22
CA LEU A 137 0.34 26.07 14.34
CA LEU A 137 0.23 26.26 14.20
C LEU A 137 -0.80 26.78 15.06
C LEU A 137 -0.92 26.78 15.07
N ASP A 138 -0.74 26.69 16.39
CA ASP A 138 -1.70 27.27 17.32
C ASP A 138 -3.11 26.73 17.12
N ARG A 139 -3.22 25.45 16.75
N ARG A 139 -3.19 25.46 16.66
CA ARG A 139 -4.52 24.83 16.61
CA ARG A 139 -4.45 24.72 16.54
C ARG A 139 -4.62 23.63 17.53
C ARG A 139 -4.56 23.71 17.68
N ASN A 140 -5.78 23.52 18.17
CA ASN A 140 -6.11 22.37 18.98
C ASN A 140 -5.97 21.12 18.13
N GLU A 141 -5.37 20.04 18.66
CA GLU A 141 -5.08 18.89 17.82
C GLU A 141 -6.31 18.38 17.08
N GLU A 142 -7.45 18.22 17.77
N GLU A 142 -7.43 18.28 17.79
CA GLU A 142 -8.65 17.70 17.11
CA GLU A 142 -8.66 17.75 17.21
C GLU A 142 -9.09 18.60 15.96
C GLU A 142 -9.13 18.60 16.04
N ASP A 143 -8.73 19.89 16.03
CA ASP A 143 -9.16 20.88 15.07
C ASP A 143 -8.06 21.32 14.11
N ILE A 144 -7.00 20.52 14.01
N ILE A 144 -6.98 20.54 14.02
CA ILE A 144 -5.96 20.74 13.02
CA ILE A 144 -5.95 20.79 13.01
C ILE A 144 -6.58 20.70 11.62
C ILE A 144 -6.63 20.75 11.63
N GLY A 145 -6.15 21.59 10.72
CA GLY A 145 -6.60 21.55 9.35
C GLY A 145 -6.02 20.36 8.59
N ALA A 146 -6.72 19.93 7.55
CA ALA A 146 -6.10 19.02 6.59
C ALA A 146 -4.77 19.62 6.12
N GLY A 147 -3.77 18.76 5.93
CA GLY A 147 -2.47 19.22 5.50
C GLY A 147 -2.39 19.61 4.02
N ASP A 148 -3.46 19.33 3.28
CA ASP A 148 -3.56 19.65 1.87
C ASP A 148 -5.04 19.51 1.49
N GLN A 149 -5.39 20.03 0.32
CA GLN A 149 -6.63 19.61 -0.30
C GLN A 149 -6.45 18.19 -0.84
N GLY A 150 -7.55 17.59 -1.31
CA GLY A 150 -7.48 16.38 -2.09
C GLY A 150 -8.70 15.50 -1.87
N LEU A 151 -8.73 14.41 -2.62
CA LEU A 151 -9.80 13.43 -2.55
C LEU A 151 -9.17 12.07 -2.27
N MET A 152 -9.93 11.22 -1.58
CA MET A 152 -9.44 9.91 -1.17
C MET A 152 -10.61 8.94 -1.20
N PHE A 153 -10.30 7.68 -1.49
CA PHE A 153 -11.32 6.65 -1.50
C PHE A 153 -10.94 5.49 -0.59
N GLY A 154 -11.98 4.86 -0.06
CA GLY A 154 -11.86 3.58 0.62
C GLY A 154 -12.73 2.55 -0.08
N TYR A 155 -12.31 1.29 -0.03
CA TYR A 155 -13.03 0.21 -0.70
C TYR A 155 -12.95 -1.04 0.17
N ALA A 156 -14.01 -1.84 0.11
CA ALA A 156 -14.01 -3.16 0.71
C ALA A 156 -14.93 -4.07 -0.10
N THR A 157 -14.57 -5.35 -0.15
CA THR A 157 -15.29 -6.36 -0.89
C THR A 157 -15.29 -7.66 -0.09
N ASP A 158 -16.45 -8.32 0.01
CA ASP A 158 -16.56 -9.53 0.80
C ASP A 158 -16.02 -10.77 0.07
N GLU A 159 -15.37 -10.61 -1.08
CA GLU A 159 -14.92 -11.76 -1.84
C GLU A 159 -13.78 -12.52 -1.15
N THR A 160 -13.06 -11.87 -0.22
CA THR A 160 -12.07 -12.52 0.62
C THR A 160 -12.36 -12.14 2.07
N GLU A 161 -11.86 -12.97 3.01
N GLU A 161 -11.84 -12.93 3.03
CA GLU A 161 -12.06 -12.73 4.43
CA GLU A 161 -12.10 -12.68 4.44
C GLU A 161 -11.57 -11.32 4.79
C GLU A 161 -11.51 -11.36 4.90
N GLU A 162 -10.38 -10.96 4.29
CA GLU A 162 -9.74 -9.69 4.61
C GLU A 162 -10.36 -8.51 3.85
N CYS A 163 -11.42 -8.78 3.09
N CYS A 163 -11.39 -8.77 3.06
CA CYS A 163 -12.24 -7.76 2.44
CA CYS A 163 -12.18 -7.71 2.47
C CYS A 163 -11.46 -7.01 1.35
C CYS A 163 -11.45 -6.99 1.34
N MET A 164 -10.60 -7.74 0.64
CA MET A 164 -9.81 -7.22 -0.45
C MET A 164 -10.09 -7.99 -1.73
N PRO A 165 -9.84 -7.39 -2.91
CA PRO A 165 -9.95 -8.12 -4.17
C PRO A 165 -8.98 -9.31 -4.25
N LEU A 166 -9.47 -10.44 -4.76
CA LEU A 166 -8.61 -11.61 -4.84
C LEU A 166 -7.42 -11.35 -5.77
N THR A 167 -7.63 -10.60 -6.85
CA THR A 167 -6.56 -10.33 -7.81
C THR A 167 -5.32 -9.75 -7.12
N ILE A 168 -5.54 -8.71 -6.30
N ILE A 168 -5.49 -8.74 -6.29
CA ILE A 168 -4.45 -7.99 -5.66
CA ILE A 168 -4.30 -8.12 -5.73
C ILE A 168 -3.85 -8.83 -4.53
C ILE A 168 -3.81 -8.91 -4.53
N VAL A 169 -4.68 -9.58 -3.78
CA VAL A 169 -4.19 -10.43 -2.69
C VAL A 169 -3.23 -11.46 -3.27
N LEU A 170 -3.64 -12.14 -4.34
CA LEU A 170 -2.77 -13.16 -4.93
C LEU A 170 -1.49 -12.53 -5.48
N ALA A 171 -1.60 -11.38 -6.15
CA ALA A 171 -0.41 -10.74 -6.69
C ALA A 171 0.59 -10.42 -5.57
N HIS A 172 0.11 -9.87 -4.44
CA HIS A 172 0.99 -9.58 -3.32
C HIS A 172 1.64 -10.85 -2.80
N LYS A 173 0.83 -11.90 -2.62
CA LYS A 173 1.35 -13.13 -2.03
C LYS A 173 2.40 -13.78 -2.91
N LEU A 174 2.30 -13.63 -4.24
CA LEU A 174 3.33 -14.17 -5.11
C LEU A 174 4.65 -13.45 -4.86
N ASN A 175 4.63 -12.11 -4.72
CA ASN A 175 5.88 -11.40 -4.42
C ASN A 175 6.41 -11.79 -3.05
N ALA A 176 5.55 -11.96 -2.05
CA ALA A 176 5.99 -12.34 -0.72
C ALA A 176 6.65 -13.71 -0.76
N LYS A 177 6.11 -14.63 -1.58
CA LYS A 177 6.67 -15.96 -1.70
C LYS A 177 8.06 -15.89 -2.31
N LEU A 178 8.24 -15.07 -3.34
CA LEU A 178 9.56 -14.90 -3.92
C LEU A 178 10.55 -14.44 -2.86
N ALA A 179 10.18 -13.45 -2.06
CA ALA A 179 11.09 -12.94 -1.04
C ALA A 179 11.40 -14.03 0.00
N GLU A 180 10.40 -14.85 0.34
CA GLU A 180 10.58 -15.91 1.31
C GLU A 180 11.61 -16.92 0.80
N LEU A 181 11.49 -17.32 -0.47
CA LEU A 181 12.36 -18.36 -1.03
C LEU A 181 13.75 -17.82 -1.35
N ARG A 182 13.86 -16.50 -1.57
CA ARG A 182 15.15 -15.85 -1.66
C ARG A 182 15.83 -15.89 -0.29
N ARG A 183 15.12 -15.44 0.74
CA ARG A 183 15.71 -15.29 2.06
C ARG A 183 16.04 -16.63 2.70
N ASN A 184 15.28 -17.69 2.38
CA ASN A 184 15.55 -18.97 3.04
C ASN A 184 16.56 -19.79 2.24
N GLY A 185 17.04 -19.27 1.11
CA GLY A 185 18.12 -19.88 0.36
C GLY A 185 17.68 -21.04 -0.55
N THR A 186 16.35 -21.25 -0.63
N THR A 186 16.38 -21.30 -0.72
CA THR A 186 15.73 -22.28 -1.46
CA THR A 186 16.03 -22.44 -1.56
C THR A 186 16.02 -22.03 -2.95
C THR A 186 16.06 -22.06 -3.05
N LEU A 187 15.85 -20.77 -3.37
CA LEU A 187 16.06 -20.32 -4.74
C LEU A 187 17.10 -19.21 -4.69
N PRO A 188 18.39 -19.55 -4.52
CA PRO A 188 19.40 -18.53 -4.26
C PRO A 188 19.76 -17.64 -5.44
N TRP A 189 19.27 -17.99 -6.64
CA TRP A 189 19.43 -17.16 -7.82
C TRP A 189 18.47 -15.96 -7.83
N LEU A 190 17.48 -15.93 -6.93
CA LEU A 190 16.56 -14.80 -6.88
C LEU A 190 17.25 -13.56 -6.37
N ARG A 191 16.82 -12.41 -6.90
CA ARG A 191 17.22 -11.10 -6.40
C ARG A 191 15.96 -10.35 -5.94
N PRO A 192 16.11 -9.20 -5.25
CA PRO A 192 14.95 -8.57 -4.62
C PRO A 192 13.88 -7.92 -5.50
N ASP A 193 14.22 -7.55 -6.75
CA ASP A 193 13.31 -6.83 -7.62
C ASP A 193 12.38 -7.81 -8.32
N SER A 194 11.05 -7.66 -8.13
CA SER A 194 10.08 -8.54 -8.74
C SER A 194 8.79 -7.78 -9.04
N LYS A 195 8.03 -8.32 -10.00
CA LYS A 195 6.69 -7.88 -10.30
C LYS A 195 5.84 -9.11 -10.60
N THR A 196 4.55 -9.02 -10.24
CA THR A 196 3.59 -10.07 -10.52
C THR A 196 2.30 -9.43 -11.01
N GLN A 197 1.48 -10.23 -11.68
CA GLN A 197 0.22 -9.74 -12.20
C GLN A 197 -0.73 -10.93 -12.31
N VAL A 198 -1.96 -10.74 -11.84
CA VAL A 198 -2.95 -11.81 -11.81
C VAL A 198 -4.25 -11.31 -12.43
N THR A 199 -4.72 -12.10 -13.41
CA THR A 199 -6.01 -11.89 -14.04
C THR A 199 -6.95 -12.98 -13.56
N VAL A 200 -8.07 -12.58 -12.95
CA VAL A 200 -9.09 -13.51 -12.48
C VAL A 200 -10.33 -13.34 -13.34
N GLN A 201 -10.96 -14.48 -13.66
CA GLN A 201 -12.29 -14.50 -14.21
C GLN A 201 -13.31 -14.55 -13.08
N TYR A 202 -14.23 -13.59 -13.10
CA TYR A 202 -15.25 -13.39 -12.08
C TYR A 202 -16.64 -13.58 -12.64
N MET A 203 -17.56 -13.92 -11.73
N MET A 203 -17.59 -13.95 -11.78
CA MET A 203 -19.00 -13.87 -11.92
CA MET A 203 -18.99 -13.73 -12.06
C MET A 203 -19.56 -12.77 -11.00
C MET A 203 -19.52 -12.68 -11.09
N GLN A 204 -20.73 -12.22 -11.38
CA GLN A 204 -21.41 -11.20 -10.61
C GLN A 204 -22.61 -11.84 -9.91
N ASP A 205 -22.94 -11.36 -8.70
CA ASP A 205 -24.12 -11.79 -7.97
C ASP A 205 -24.69 -10.57 -7.24
N ARG A 206 -25.66 -9.92 -7.89
CA ARG A 206 -26.34 -8.74 -7.37
C ARG A 206 -25.35 -7.72 -6.84
N GLY A 207 -24.37 -7.40 -7.69
CA GLY A 207 -23.43 -6.36 -7.39
C GLY A 207 -22.17 -6.85 -6.68
N ALA A 208 -22.23 -8.02 -6.00
CA ALA A 208 -21.02 -8.61 -5.44
C ALA A 208 -20.27 -9.33 -6.55
N VAL A 209 -18.98 -9.58 -6.33
CA VAL A 209 -18.19 -10.30 -7.32
C VAL A 209 -17.68 -11.61 -6.72
N LEU A 210 -17.68 -12.64 -7.57
CA LEU A 210 -17.34 -13.99 -7.16
C LEU A 210 -16.22 -14.50 -8.06
N PRO A 211 -15.00 -14.75 -7.52
CA PRO A 211 -13.93 -15.32 -8.34
C PRO A 211 -14.25 -16.74 -8.78
N ILE A 212 -13.94 -17.04 -10.05
CA ILE A 212 -14.14 -18.36 -10.62
C ILE A 212 -12.80 -19.07 -10.80
N ARG A 213 -11.87 -18.41 -11.49
N ARG A 213 -11.87 -18.41 -11.50
CA ARG A 213 -10.62 -19.06 -11.85
CA ARG A 213 -10.61 -19.06 -11.83
C ARG A 213 -9.58 -17.99 -12.17
C ARG A 213 -9.58 -17.99 -12.17
N VAL A 214 -8.32 -18.41 -12.12
CA VAL A 214 -7.21 -17.57 -12.54
C VAL A 214 -7.00 -17.80 -14.03
N HIS A 215 -7.11 -16.70 -14.79
CA HIS A 215 -7.00 -16.72 -16.24
C HIS A 215 -5.54 -16.61 -16.70
N THR A 216 -4.77 -15.68 -16.10
CA THR A 216 -3.40 -15.42 -16.49
C THR A 216 -2.59 -15.01 -15.26
N ILE A 217 -1.34 -15.49 -15.19
CA ILE A 217 -0.37 -15.02 -14.21
C ILE A 217 0.90 -14.59 -14.93
N VAL A 218 1.42 -13.42 -14.52
CA VAL A 218 2.72 -12.93 -14.93
C VAL A 218 3.61 -12.90 -13.69
N ILE A 219 4.85 -13.39 -13.83
CA ILE A 219 5.89 -13.16 -12.85
C ILE A 219 7.17 -12.79 -13.56
N SER A 220 7.77 -11.65 -13.17
CA SER A 220 9.11 -11.25 -13.59
C SER A 220 9.93 -11.01 -12.34
N VAL A 221 11.10 -11.64 -12.26
CA VAL A 221 11.95 -11.45 -11.09
C VAL A 221 13.42 -11.42 -11.49
N GLN A 222 14.14 -10.47 -10.90
CA GLN A 222 15.57 -10.34 -11.12
C GLN A 222 16.29 -11.60 -10.67
N HIS A 223 17.34 -11.99 -11.42
CA HIS A 223 18.00 -13.25 -11.17
C HIS A 223 19.49 -13.14 -11.46
N ASP A 224 20.23 -14.14 -10.99
CA ASP A 224 21.67 -14.17 -11.20
C ASP A 224 22.01 -14.60 -12.63
N GLU A 225 23.27 -14.40 -12.98
N GLU A 225 23.30 -14.50 -12.95
CA GLU A 225 23.76 -14.61 -14.34
CA GLU A 225 23.80 -14.68 -14.30
C GLU A 225 23.65 -16.09 -14.73
C GLU A 225 24.01 -16.15 -14.63
N GLU A 226 23.82 -17.01 -13.78
N GLU A 226 23.73 -17.04 -13.67
CA GLU A 226 24.07 -18.40 -14.10
CA GLU A 226 24.11 -18.45 -13.78
C GLU A 226 22.81 -19.21 -14.39
C GLU A 226 22.90 -19.35 -14.04
N VAL A 227 21.67 -18.89 -13.75
CA VAL A 227 20.49 -19.75 -13.83
C VAL A 227 19.84 -19.60 -15.20
N CYS A 228 19.33 -20.71 -15.75
CA CYS A 228 18.74 -20.66 -17.08
C CYS A 228 17.23 -20.45 -16.98
N LEU A 229 16.61 -20.00 -18.09
N LEU A 229 16.66 -20.12 -18.13
CA LEU A 229 15.17 -19.72 -18.11
CA LEU A 229 15.27 -19.73 -18.21
C LEU A 229 14.37 -20.96 -17.70
C LEU A 229 14.34 -20.91 -17.88
N ASP A 230 14.73 -22.13 -18.22
CA ASP A 230 13.89 -23.31 -17.95
C ASP A 230 13.87 -23.62 -16.46
N GLU A 231 15.03 -23.53 -15.81
CA GLU A 231 15.08 -23.75 -14.38
C GLU A 231 14.21 -22.72 -13.67
N MET A 232 14.30 -21.46 -14.09
CA MET A 232 13.51 -20.42 -13.44
C MET A 232 12.01 -20.63 -13.67
N ARG A 233 11.62 -20.91 -14.90
CA ARG A 233 10.19 -21.04 -15.19
C ARG A 233 9.59 -22.22 -14.45
N ASP A 234 10.32 -23.34 -14.38
CA ASP A 234 9.86 -24.49 -13.63
C ASP A 234 9.68 -24.14 -12.16
N ALA A 235 10.68 -23.48 -11.57
CA ALA A 235 10.60 -23.12 -10.16
C ALA A 235 9.46 -22.14 -9.90
N LEU A 236 9.28 -21.16 -10.80
CA LEU A 236 8.22 -20.19 -10.58
C LEU A 236 6.85 -20.85 -10.58
N LYS A 237 6.66 -21.86 -11.44
N LYS A 237 6.64 -21.85 -11.44
CA LYS A 237 5.40 -22.57 -11.51
CA LYS A 237 5.36 -22.53 -11.43
C LYS A 237 5.21 -23.46 -10.28
C LYS A 237 5.23 -23.40 -10.18
N GLU A 238 6.24 -24.27 -9.95
CA GLU A 238 6.09 -25.32 -8.96
C GLU A 238 6.25 -24.83 -7.53
N LYS A 239 7.20 -23.90 -7.30
N LYS A 239 7.17 -23.89 -7.29
CA LYS A 239 7.57 -23.49 -5.96
CA LYS A 239 7.53 -23.50 -5.93
C LYS A 239 6.96 -22.15 -5.57
C LYS A 239 6.95 -22.14 -5.56
N VAL A 240 6.49 -21.36 -6.54
CA VAL A 240 5.91 -20.06 -6.25
C VAL A 240 4.41 -20.12 -6.49
N ILE A 241 3.98 -20.27 -7.74
CA ILE A 241 2.56 -20.25 -8.02
C ILE A 241 1.81 -21.34 -7.26
N LYS A 242 2.28 -22.58 -7.33
CA LYS A 242 1.53 -23.64 -6.68
C LYS A 242 1.54 -23.51 -5.16
N ALA A 243 2.54 -22.82 -4.59
CA ALA A 243 2.59 -22.61 -3.16
C ALA A 243 1.70 -21.46 -2.70
N VAL A 244 1.12 -20.68 -3.64
CA VAL A 244 0.34 -19.51 -3.30
C VAL A 244 -1.11 -19.63 -3.78
N VAL A 245 -1.31 -20.01 -5.04
CA VAL A 245 -2.63 -19.97 -5.64
C VAL A 245 -3.32 -21.32 -5.46
N PRO A 246 -4.50 -21.38 -4.83
CA PRO A 246 -5.21 -22.65 -4.72
C PRO A 246 -5.41 -23.33 -6.07
N ALA A 247 -5.20 -24.66 -6.09
CA ALA A 247 -5.30 -25.45 -7.30
C ALA A 247 -6.70 -25.32 -7.93
N LYS A 248 -7.74 -25.09 -7.13
CA LYS A 248 -9.09 -24.99 -7.65
C LYS A 248 -9.22 -23.82 -8.64
N TYR A 249 -8.32 -22.83 -8.57
CA TYR A 249 -8.38 -21.69 -9.48
C TYR A 249 -7.52 -21.88 -10.73
N LEU A 250 -6.69 -22.93 -10.77
CA LEU A 250 -5.78 -23.14 -11.88
C LEU A 250 -6.28 -24.32 -12.72
N ASP A 251 -6.24 -24.17 -14.04
CA ASP A 251 -6.69 -25.27 -14.89
C ASP A 251 -5.85 -25.31 -16.16
N GLU A 252 -6.20 -26.20 -17.08
N GLU A 252 -6.29 -26.18 -17.08
CA GLU A 252 -5.36 -26.41 -18.26
CA GLU A 252 -5.62 -26.51 -18.32
C GLU A 252 -5.33 -25.16 -19.14
C GLU A 252 -5.50 -25.29 -19.24
N ASP A 253 -6.31 -24.27 -18.97
CA ASP A 253 -6.40 -23.09 -19.83
C ASP A 253 -5.67 -21.89 -19.22
N THR A 254 -5.29 -21.95 -17.94
CA THR A 254 -4.57 -20.83 -17.32
C THR A 254 -3.30 -20.53 -18.12
N ILE A 255 -3.08 -19.24 -18.38
CA ILE A 255 -1.94 -18.77 -19.14
C ILE A 255 -0.86 -18.29 -18.18
N TYR A 256 0.37 -18.73 -18.42
CA TYR A 256 1.50 -18.36 -17.59
C TYR A 256 2.54 -17.61 -18.43
N HIS A 257 2.89 -16.41 -17.96
CA HIS A 257 3.96 -15.61 -18.53
C HIS A 257 5.03 -15.44 -17.44
N LEU A 258 5.97 -16.37 -17.45
CA LEU A 258 6.99 -16.46 -16.41
C LEU A 258 8.33 -16.07 -17.02
N GLN A 259 8.96 -15.05 -16.44
CA GLN A 259 10.14 -14.43 -17.02
C GLN A 259 9.89 -14.12 -18.50
N PRO A 260 8.79 -13.42 -18.84
CA PRO A 260 8.46 -13.20 -20.25
C PRO A 260 9.45 -12.32 -21.01
N SER A 261 10.26 -11.51 -20.32
CA SER A 261 11.27 -10.74 -21.03
C SER A 261 12.43 -11.61 -21.49
N GLY A 262 12.59 -12.80 -20.90
CA GLY A 262 13.67 -13.69 -21.24
C GLY A 262 14.97 -13.48 -20.47
N ARG A 263 15.19 -12.29 -19.88
CA ARG A 263 16.42 -12.04 -19.16
C ARG A 263 16.21 -10.81 -18.27
N PHE A 264 16.54 -10.95 -16.99
CA PHE A 264 16.32 -9.92 -15.99
C PHE A 264 17.46 -10.03 -14.97
N VAL A 265 18.69 -9.80 -15.43
CA VAL A 265 19.87 -9.81 -14.57
C VAL A 265 20.09 -8.43 -13.97
N ILE A 266 20.04 -7.41 -14.82
CA ILE A 266 20.06 -6.02 -14.38
C ILE A 266 18.71 -5.72 -13.75
N GLY A 267 18.70 -5.20 -12.53
CA GLY A 267 17.46 -4.89 -11.87
C GLY A 267 17.67 -3.92 -10.72
N GLY A 268 16.65 -3.75 -9.90
CA GLY A 268 16.66 -2.70 -8.90
C GLY A 268 16.81 -1.34 -9.56
N PRO A 269 17.31 -0.34 -8.81
CA PRO A 269 17.46 1.02 -9.35
C PRO A 269 18.34 1.10 -10.59
N GLN A 270 19.30 0.17 -10.72
CA GLN A 270 20.14 0.15 -11.91
C GLN A 270 19.31 -0.10 -13.16
N GLY A 271 18.29 -0.95 -13.08
CA GLY A 271 17.45 -1.25 -14.24
C GLY A 271 16.41 -0.18 -14.54
N ASP A 272 16.01 0.58 -13.52
CA ASP A 272 14.85 1.45 -13.64
C ASP A 272 14.82 2.39 -12.44
N ALA A 273 14.83 3.70 -12.70
CA ALA A 273 14.74 4.66 -11.61
C ALA A 273 13.45 4.46 -10.84
N GLY A 274 13.55 4.59 -9.52
CA GLY A 274 12.39 4.54 -8.65
C GLY A 274 12.14 5.87 -7.95
N LEU A 275 10.86 6.09 -7.60
CA LEU A 275 10.44 7.27 -6.87
C LEU A 275 9.39 6.85 -5.85
N THR A 276 9.31 7.58 -4.75
CA THR A 276 8.21 7.42 -3.80
C THR A 276 6.89 7.76 -4.46
N GLY A 277 5.85 6.95 -4.15
CA GLY A 277 4.49 7.29 -4.56
C GLY A 277 4.18 7.00 -6.03
N ARG A 278 4.87 6.01 -6.61
CA ARG A 278 4.67 5.58 -7.99
C ARG A 278 4.05 4.19 -8.05
N LYS A 279 3.58 3.67 -6.91
CA LYS A 279 2.89 2.39 -6.85
C LYS A 279 1.58 2.52 -6.06
N ILE A 280 0.82 3.58 -6.33
CA ILE A 280 -0.30 3.92 -5.45
C ILE A 280 -1.47 2.95 -5.64
N ILE A 281 -1.54 2.26 -6.79
CA ILE A 281 -2.60 1.30 -7.04
C ILE A 281 -2.21 -0.05 -6.44
N VAL A 282 -0.92 -0.44 -6.52
CA VAL A 282 -0.41 -1.58 -5.78
C VAL A 282 -0.62 -1.40 -4.28
N ASP A 283 -0.49 -0.17 -3.79
CA ASP A 283 -0.61 0.11 -2.37
C ASP A 283 -2.04 -0.02 -1.85
N THR A 284 -3.03 0.02 -2.76
CA THR A 284 -4.43 0.14 -2.40
C THR A 284 -5.20 -1.09 -2.88
N TYR A 285 -5.95 -0.97 -4.00
CA TYR A 285 -6.94 -1.99 -4.33
C TYR A 285 -6.69 -2.64 -5.70
N GLY A 286 -5.52 -2.44 -6.30
CA GLY A 286 -5.21 -3.16 -7.52
C GLY A 286 -6.12 -2.81 -8.70
N GLY A 287 -6.64 -1.59 -8.71
CA GLY A 287 -7.46 -1.10 -9.80
C GLY A 287 -8.96 -1.12 -9.48
N TRP A 288 -9.34 -1.92 -8.49
CA TRP A 288 -10.71 -1.93 -8.01
C TRP A 288 -10.99 -0.66 -7.22
N GLY A 289 -12.28 -0.39 -6.98
CA GLY A 289 -12.60 0.77 -6.18
C GLY A 289 -12.30 2.06 -6.95
N ALA A 290 -11.49 2.95 -6.37
CA ALA A 290 -11.07 4.19 -7.00
C ALA A 290 -9.88 4.73 -6.23
N HIS A 291 -9.22 5.74 -6.79
CA HIS A 291 -8.07 6.36 -6.15
C HIS A 291 -8.14 7.86 -6.39
N GLY A 292 -7.78 8.64 -5.35
CA GLY A 292 -7.76 10.09 -5.47
C GLY A 292 -6.42 10.69 -5.90
N GLY A 293 -5.38 9.86 -6.01
CA GLY A 293 -4.10 10.29 -6.58
C GLY A 293 -2.96 10.44 -5.58
N GLY A 294 -3.28 10.56 -4.29
CA GLY A 294 -2.25 10.85 -3.30
C GLY A 294 -1.45 9.60 -2.90
N ALA A 295 -0.14 9.78 -2.73
CA ALA A 295 0.75 8.76 -2.24
C ALA A 295 0.70 8.70 -0.72
N PHE A 296 1.05 7.56 -0.16
CA PHE A 296 1.05 7.36 1.28
C PHE A 296 2.43 7.59 1.92
N SER A 297 3.47 7.00 1.35
CA SER A 297 4.72 6.85 2.09
C SER A 297 5.45 8.17 2.28
N GLY A 298 6.10 8.29 3.43
CA GLY A 298 6.89 9.46 3.76
C GLY A 298 6.11 10.59 4.39
N LYS A 299 4.83 10.37 4.73
CA LYS A 299 3.93 11.42 5.18
C LYS A 299 3.40 11.11 6.59
N ASP A 300 3.41 12.11 7.47
CA ASP A 300 2.77 12.02 8.78
C ASP A 300 1.25 12.18 8.63
N TYR A 301 0.56 12.00 9.76
CA TYR A 301 -0.89 11.89 9.75
C TYR A 301 -1.59 13.17 9.30
N THR A 302 -0.95 14.33 9.40
CA THR A 302 -1.62 15.55 8.98
C THR A 302 -1.81 15.60 7.46
N LYS A 303 -1.09 14.75 6.73
CA LYS A 303 -1.28 14.62 5.30
C LYS A 303 -2.43 13.65 5.08
N VAL A 304 -3.60 14.21 4.77
CA VAL A 304 -4.83 13.45 4.59
C VAL A 304 -4.73 12.46 3.43
N ASP A 305 -3.81 12.65 2.47
CA ASP A 305 -3.60 11.64 1.45
C ASP A 305 -3.45 10.25 2.08
N ARG A 306 -2.77 10.20 3.22
CA ARG A 306 -2.58 8.94 3.93
C ARG A 306 -3.70 8.75 4.98
N SER A 307 -3.82 9.65 5.95
CA SER A 307 -4.72 9.40 7.08
C SER A 307 -6.17 9.25 6.64
N ALA A 308 -6.64 10.06 5.68
CA ALA A 308 -8.04 9.97 5.28
C ALA A 308 -8.27 8.74 4.40
N ALA A 309 -7.27 8.32 3.62
CA ALA A 309 -7.40 7.07 2.88
C ALA A 309 -7.47 5.87 3.83
N TYR A 310 -6.67 5.89 4.90
CA TYR A 310 -6.74 4.82 5.89
C TYR A 310 -8.12 4.84 6.57
N ALA A 311 -8.59 6.03 6.93
CA ALA A 311 -9.90 6.13 7.55
C ALA A 311 -11.01 5.69 6.60
N ALA A 312 -10.88 5.99 5.31
CA ALA A 312 -11.91 5.60 4.35
C ALA A 312 -11.92 4.08 4.18
N ARG A 313 -10.75 3.43 4.20
CA ARG A 313 -10.68 1.97 4.22
C ARG A 313 -11.41 1.43 5.45
N TRP A 314 -11.15 2.04 6.60
CA TRP A 314 -11.74 1.63 7.86
C TRP A 314 -13.26 1.72 7.79
N VAL A 315 -13.78 2.82 7.23
CA VAL A 315 -15.21 2.98 7.04
C VAL A 315 -15.76 1.88 6.15
N ALA A 316 -15.14 1.69 4.98
CA ALA A 316 -15.62 0.70 4.02
C ALA A 316 -15.65 -0.69 4.65
N LYS A 317 -14.54 -1.07 5.28
CA LYS A 317 -14.45 -2.38 5.88
C LYS A 317 -15.49 -2.53 7.00
N SER A 318 -15.75 -1.46 7.76
CA SER A 318 -16.74 -1.47 8.83
C SER A 318 -18.14 -1.71 8.27
N LEU A 319 -18.44 -1.12 7.11
CA LEU A 319 -19.75 -1.30 6.50
C LEU A 319 -19.93 -2.74 6.02
N VAL A 320 -18.89 -3.33 5.44
CA VAL A 320 -18.99 -4.71 4.95
C VAL A 320 -19.04 -5.69 6.11
N LYS A 321 -18.10 -5.57 7.06
N LYS A 321 -18.12 -5.56 7.07
CA LYS A 321 -18.06 -6.48 8.19
CA LYS A 321 -18.07 -6.49 8.20
C LYS A 321 -19.34 -6.36 9.01
C LYS A 321 -19.27 -6.31 9.13
N GLY A 322 -19.91 -5.15 9.07
CA GLY A 322 -21.13 -4.89 9.84
C GLY A 322 -22.39 -5.43 9.16
N GLY A 323 -22.24 -6.02 7.97
CA GLY A 323 -23.34 -6.68 7.29
C GLY A 323 -24.26 -5.69 6.55
N LEU A 324 -23.81 -4.45 6.34
CA LEU A 324 -24.65 -3.47 5.66
C LEU A 324 -24.51 -3.56 4.15
N CYS A 325 -23.43 -4.16 3.67
N CYS A 325 -23.34 -4.01 3.67
CA CYS A 325 -23.24 -4.27 2.25
CA CYS A 325 -22.97 -4.05 2.27
C CYS A 325 -22.12 -5.27 1.98
C CYS A 325 -22.18 -5.33 2.02
N ARG A 326 -22.12 -5.81 0.77
CA ARG A 326 -21.15 -6.81 0.37
C ARG A 326 -19.90 -6.15 -0.22
N ARG A 327 -20.08 -4.98 -0.85
CA ARG A 327 -19.01 -4.22 -1.47
C ARG A 327 -19.37 -2.76 -1.32
N VAL A 328 -18.38 -1.89 -1.12
CA VAL A 328 -18.67 -0.48 -0.96
C VAL A 328 -17.45 0.36 -1.28
N LEU A 329 -17.73 1.54 -1.83
CA LEU A 329 -16.75 2.57 -2.14
C LEU A 329 -17.14 3.84 -1.39
N VAL A 330 -16.15 4.47 -0.77
CA VAL A 330 -16.32 5.70 -0.01
C VAL A 330 -15.40 6.75 -0.60
N GLN A 331 -15.92 7.95 -0.92
CA GLN A 331 -15.08 9.09 -1.24
C GLN A 331 -15.17 10.10 -0.10
N VAL A 332 -14.02 10.70 0.21
N VAL A 332 -14.03 10.75 0.18
CA VAL A 332 -13.96 11.89 1.04
CA VAL A 332 -13.94 11.87 1.12
C VAL A 332 -13.09 12.92 0.33
C VAL A 332 -12.95 12.88 0.54
N SER A 333 -13.21 14.19 0.74
CA SER A 333 -12.34 15.24 0.23
C SER A 333 -12.13 16.31 1.28
N TYR A 334 -11.05 17.09 1.10
CA TYR A 334 -10.61 18.09 2.06
C TYR A 334 -10.13 19.35 1.34
N ALA A 335 -10.06 20.44 2.12
CA ALA A 335 -9.34 21.65 1.73
C ALA A 335 -8.21 21.87 2.74
N ILE A 336 -7.06 22.35 2.26
CA ILE A 336 -5.96 22.66 3.16
C ILE A 336 -6.43 23.65 4.22
N GLY A 337 -6.10 23.35 5.48
CA GLY A 337 -6.41 24.25 6.58
C GLY A 337 -7.80 24.06 7.19
N VAL A 338 -8.63 23.20 6.59
CA VAL A 338 -9.99 22.96 7.05
C VAL A 338 -10.04 21.54 7.63
N SER A 339 -10.63 21.39 8.82
N SER A 339 -10.60 21.41 8.84
CA SER A 339 -10.57 20.10 9.51
CA SER A 339 -10.62 20.13 9.55
C SER A 339 -11.60 19.11 8.99
C SER A 339 -11.58 19.15 8.90
N HIS A 340 -12.86 19.52 8.82
CA HIS A 340 -13.90 18.60 8.40
C HIS A 340 -13.81 18.36 6.90
N PRO A 341 -14.14 17.14 6.44
CA PRO A 341 -14.17 16.89 5.00
C PRO A 341 -15.19 17.80 4.32
N LEU A 342 -14.90 18.13 3.06
N LEU A 342 -14.89 18.15 3.07
CA LEU A 342 -15.74 18.96 2.21
CA LEU A 342 -15.79 18.96 2.25
C LEU A 342 -16.88 18.16 1.59
C LEU A 342 -16.95 18.12 1.75
N SER A 343 -16.68 16.85 1.44
CA SER A 343 -17.67 15.97 0.84
C SER A 343 -17.41 14.55 1.35
N ILE A 344 -18.47 13.76 1.44
N ILE A 344 -18.48 13.78 1.46
CA ILE A 344 -18.37 12.34 1.68
CA ILE A 344 -18.45 12.35 1.73
C ILE A 344 -19.48 11.65 0.90
C ILE A 344 -19.47 11.71 0.81
N SER A 345 -19.11 10.59 0.18
CA SER A 345 -19.99 9.89 -0.75
C SER A 345 -19.82 8.39 -0.58
N ILE A 346 -20.94 7.67 -0.77
N ILE A 346 -20.92 7.65 -0.77
CA ILE A 346 -20.99 6.22 -0.62
CA ILE A 346 -20.90 6.21 -0.64
C ILE A 346 -21.57 5.62 -1.90
C ILE A 346 -21.61 5.58 -1.83
N PHE A 347 -20.97 4.55 -2.39
CA PHE A 347 -21.53 3.75 -3.48
C PHE A 347 -21.48 2.29 -3.07
N HIS A 348 -22.63 1.60 -3.10
CA HIS A 348 -22.68 0.24 -2.57
C HIS A 348 -22.85 -0.84 -3.64
N TYR A 349 -22.81 -0.47 -4.92
CA TYR A 349 -22.81 -1.41 -6.02
C TYR A 349 -24.09 -2.24 -6.08
N GLY A 350 -25.15 -1.79 -5.40
CA GLY A 350 -26.39 -2.54 -5.35
C GLY A 350 -26.39 -3.67 -4.31
N THR A 351 -25.42 -3.65 -3.38
CA THR A 351 -25.22 -4.76 -2.45
C THR A 351 -25.73 -4.49 -1.05
N SER A 352 -26.54 -3.43 -0.89
CA SER A 352 -27.20 -3.13 0.37
C SER A 352 -28.70 -2.98 0.14
N GLN A 353 -29.49 -3.30 1.17
N GLN A 353 -29.49 -3.35 1.16
CA GLN A 353 -30.90 -3.00 1.15
CA GLN A 353 -30.90 -3.01 1.19
C GLN A 353 -31.17 -1.57 1.63
C GLN A 353 -31.07 -1.52 1.43
N LYS A 354 -30.14 -0.93 2.20
CA LYS A 354 -30.22 0.49 2.52
C LYS A 354 -29.79 1.30 1.32
N SER A 355 -30.36 2.49 1.19
CA SER A 355 -29.95 3.43 0.18
C SER A 355 -28.55 3.95 0.51
N GLU A 356 -27.90 4.48 -0.52
CA GLU A 356 -26.61 5.13 -0.33
C GLU A 356 -26.76 6.32 0.61
N ARG A 357 -27.88 7.05 0.53
CA ARG A 357 -28.15 8.14 1.45
C ARG A 357 -28.21 7.64 2.90
N GLU A 358 -28.90 6.52 3.15
CA GLU A 358 -28.97 5.95 4.49
C GLU A 358 -27.58 5.52 4.99
N LEU A 359 -26.79 4.90 4.12
CA LEU A 359 -25.44 4.51 4.53
C LEU A 359 -24.60 5.74 4.88
N LEU A 360 -24.75 6.82 4.10
CA LEU A 360 -24.01 8.04 4.38
C LEU A 360 -24.38 8.57 5.77
N GLU A 361 -25.67 8.52 6.12
N GLU A 361 -25.67 8.53 6.13
CA GLU A 361 -26.11 8.97 7.42
CA GLU A 361 -26.09 8.98 7.44
C GLU A 361 -25.49 8.11 8.53
C GLU A 361 -25.47 8.11 8.54
N ILE A 362 -25.42 6.79 8.31
CA ILE A 362 -24.78 5.90 9.27
C ILE A 362 -23.30 6.26 9.43
N VAL A 363 -22.61 6.52 8.32
CA VAL A 363 -21.21 6.89 8.40
C VAL A 363 -21.03 8.18 9.20
N LYS A 364 -21.86 9.19 8.90
CA LYS A 364 -21.76 10.49 9.56
C LYS A 364 -22.02 10.37 11.06
N LYS A 365 -22.91 9.44 11.45
CA LYS A 365 -23.22 9.26 12.86
C LYS A 365 -22.13 8.48 13.61
N ASN A 366 -21.31 7.70 12.90
CA ASN A 366 -20.38 6.78 13.53
C ASN A 366 -18.92 7.18 13.41
N PHE A 367 -18.58 8.06 12.47
CA PHE A 367 -17.19 8.41 12.21
C PHE A 367 -17.01 9.92 12.22
N ASP A 368 -15.85 10.35 12.72
CA ASP A 368 -15.41 11.72 12.67
C ASP A 368 -14.12 11.74 11.87
N LEU A 369 -14.19 12.28 10.65
CA LEU A 369 -13.09 12.17 9.70
C LEU A 369 -12.24 13.45 9.65
N ARG A 370 -12.24 14.21 10.74
CA ARG A 370 -11.22 15.22 10.91
C ARG A 370 -9.88 14.53 11.12
N PRO A 371 -8.77 15.03 10.52
CA PRO A 371 -7.48 14.36 10.71
C PRO A 371 -7.04 14.29 12.17
N GLY A 372 -7.38 15.32 12.95
CA GLY A 372 -7.01 15.37 14.35
C GLY A 372 -7.82 14.42 15.24
N VAL A 373 -8.85 13.78 14.67
CA VAL A 373 -9.57 12.71 15.35
C VAL A 373 -9.15 11.35 14.78
N ILE A 374 -9.01 11.26 13.46
CA ILE A 374 -8.48 10.04 12.85
C ILE A 374 -7.18 9.62 13.54
N VAL A 375 -6.30 10.58 13.84
CA VAL A 375 -5.02 10.24 14.43
C VAL A 375 -5.19 9.48 15.74
N ARG A 376 -6.22 9.85 16.53
CA ARG A 376 -6.50 9.18 17.79
C ARG A 376 -7.09 7.79 17.53
N ASP A 377 -8.09 7.72 16.65
CA ASP A 377 -8.78 6.47 16.40
C ASP A 377 -7.85 5.42 15.80
N LEU A 378 -6.93 5.84 14.92
CA LEU A 378 -6.09 4.89 14.21
C LEU A 378 -4.65 4.89 14.71
N ASP A 379 -4.37 5.65 15.78
CA ASP A 379 -3.07 5.64 16.46
C ASP A 379 -1.93 6.01 15.50
N LEU A 380 -2.11 7.10 14.73
CA LEU A 380 -1.26 7.34 13.57
C LEU A 380 0.04 8.08 13.91
N LYS A 381 0.34 8.30 15.18
CA LYS A 381 1.68 8.74 15.54
C LYS A 381 2.61 7.56 15.81
N LYS A 382 2.10 6.32 15.79
N LYS A 382 2.09 6.33 15.79
CA LYS A 382 2.94 5.18 16.10
CA LYS A 382 2.89 5.14 16.04
C LYS A 382 3.82 4.86 14.88
C LYS A 382 3.82 4.86 14.86
N PRO A 383 5.12 4.57 15.11
CA PRO A 383 6.07 4.30 14.03
C PRO A 383 5.96 2.89 13.45
N ILE A 384 4.87 2.60 12.74
N ILE A 384 4.83 2.62 12.78
CA ILE A 384 4.65 1.29 12.11
CA ILE A 384 4.57 1.34 12.15
C ILE A 384 4.63 1.41 10.60
C ILE A 384 4.46 1.49 10.64
N TYR A 385 4.99 2.59 10.08
CA TYR A 385 4.73 2.86 8.68
C TYR A 385 5.61 2.07 7.72
N GLN A 386 6.87 1.79 8.07
CA GLN A 386 7.67 0.99 7.17
C GLN A 386 7.01 -0.35 6.87
N ARG A 387 6.28 -0.90 7.86
N ARG A 387 6.30 -0.94 7.84
CA ARG A 387 5.55 -2.16 7.75
CA ARG A 387 5.64 -2.22 7.59
C ARG A 387 4.41 -2.10 6.72
C ARG A 387 4.55 -2.08 6.52
N THR A 388 3.95 -0.89 6.37
CA THR A 388 2.88 -0.70 5.40
C THR A 388 3.37 -0.60 3.96
N ALA A 389 4.69 -0.37 3.76
CA ALA A 389 5.21 0.15 2.51
C ALA A 389 5.60 -0.91 1.47
N ALA A 390 5.33 -2.20 1.78
CA ALA A 390 5.34 -3.25 0.77
C ALA A 390 4.15 -4.18 1.03
N TYR A 391 3.64 -4.80 -0.04
CA TYR A 391 2.58 -5.79 0.01
C TYR A 391 1.21 -5.18 0.30
N GLY A 392 1.07 -3.87 0.08
CA GLY A 392 -0.21 -3.21 0.22
C GLY A 392 -0.42 -2.68 1.63
N HIS A 393 -1.16 -1.57 1.72
CA HIS A 393 -1.43 -0.95 3.01
C HIS A 393 -2.67 -1.55 3.68
N PHE A 394 -3.46 -2.31 2.92
CA PHE A 394 -4.76 -2.78 3.35
C PHE A 394 -4.82 -4.30 3.28
N GLY A 395 -5.71 -4.87 4.09
CA GLY A 395 -5.99 -6.28 4.07
C GLY A 395 -5.00 -7.17 4.81
N ARG A 396 -4.14 -6.60 5.64
N ARG A 396 -4.12 -6.56 5.65
CA ARG A 396 -3.25 -7.48 6.35
CA ARG A 396 -3.02 -7.25 6.33
C ARG A 396 -2.84 -6.86 7.68
C ARG A 396 -2.91 -6.85 7.81
N ASP A 397 -2.59 -7.79 8.63
N ASP A 397 -2.43 -7.81 8.64
CA ASP A 397 -1.81 -7.55 9.84
CA ASP A 397 -1.75 -7.53 9.92
C ASP A 397 -2.61 -6.84 10.92
C ASP A 397 -2.63 -6.87 10.98
N SER A 398 -3.93 -6.74 10.75
CA SER A 398 -4.82 -6.14 11.73
C SER A 398 -4.31 -4.79 12.23
N PHE A 399 -3.82 -3.96 11.29
CA PHE A 399 -3.57 -2.55 11.56
C PHE A 399 -4.87 -1.92 12.03
N PRO A 400 -4.85 -0.75 12.72
CA PRO A 400 -6.10 -0.21 13.26
C PRO A 400 -7.21 0.01 12.23
N TRP A 401 -6.85 0.37 10.99
CA TRP A 401 -7.84 0.63 9.95
C TRP A 401 -8.44 -0.68 9.40
N GLU A 402 -7.91 -1.82 9.84
CA GLU A 402 -8.41 -3.14 9.43
C GLU A 402 -9.29 -3.76 10.51
N VAL A 403 -9.43 -3.10 11.66
CA VAL A 403 -10.26 -3.60 12.74
C VAL A 403 -11.59 -2.87 12.63
N PRO A 404 -12.71 -3.53 12.28
N PRO A 404 -12.69 -3.52 12.17
CA PRO A 404 -13.94 -2.79 12.05
CA PRO A 404 -13.94 -2.82 11.91
C PRO A 404 -14.42 -2.06 13.29
C PRO A 404 -14.53 -2.20 13.17
N LYS A 405 -15.10 -0.93 13.05
N LYS A 405 -15.07 -0.99 13.01
CA LYS A 405 -15.88 -0.25 14.07
CA LYS A 405 -15.75 -0.31 14.10
C LYS A 405 -17.26 -0.90 14.13
C LYS A 405 -17.20 -0.78 14.17
N LYS A 406 -17.73 -1.20 15.35
N LYS A 406 -17.66 -1.08 15.39
CA LYS A 406 -19.11 -1.61 15.56
CA LYS A 406 -19.03 -1.44 15.64
C LYS A 406 -20.01 -0.37 15.44
C LYS A 406 -19.93 -0.25 15.33
N LEU A 407 -20.95 -0.45 14.49
CA LEU A 407 -21.76 0.68 14.08
C LEU A 407 -23.08 0.69 14.85
N LYS A 408 -23.50 1.92 15.20
CA LYS A 408 -24.77 2.18 15.83
C LYS A 408 -25.71 2.84 14.82
N TYR A 409 -26.92 2.29 14.70
CA TYR A 409 -27.95 2.82 13.81
C TYR A 409 -29.28 2.10 14.09
C1 EDO B . 27.02 -4.45 7.95
O1 EDO B . 25.66 -4.11 8.20
C2 EDO B . 27.66 -3.62 6.90
O2 EDO B . 28.25 -2.41 7.36
C1 EDO C . 7.06 -16.81 -21.27
O1 EDO C . 7.36 -18.19 -21.24
C2 EDO C . 5.84 -16.50 -22.05
O2 EDO C . 5.63 -15.13 -22.23
C1 EDO D . -1.48 -22.57 -1.21
C1 EDO D . -1.19 -22.77 -1.58
O1 EDO D . -0.94 -23.77 -0.69
O1 EDO D . -0.90 -23.62 -0.48
C2 EDO D . -2.10 -22.75 -2.54
C2 EDO D . -2.64 -22.68 -1.86
O2 EDO D . -2.81 -23.96 -2.70
O2 EDO D . -3.37 -22.20 -0.75
N1 YN8 E . -18.56 -5.98 -11.76
N3 YN8 E . -15.36 -2.88 -11.99
C4 YN8 E . -17.06 -4.46 -11.54
C5 YN8 E . -16.24 -3.39 -11.06
C6 YN8 E . -14.70 -1.66 -11.59
C7 YN8 E . -13.43 -1.59 -11.08
C8 YN8 E . -12.92 -0.33 -10.77
C10 YN8 E . -15.45 -0.49 -11.83
C13 YN8 E . -17.78 0.59 -12.17
C15 YN8 E . -14.34 -2.74 -14.20
C17 YN8 E . -15.01 -4.26 -15.92
C1 YN8 E . -19.64 -6.86 -11.35
C2 YN8 E . -17.92 -5.98 -12.93
C3 YN8 E . -16.96 -4.98 -12.84
N2 YN8 E . -18.02 -5.12 -10.86
O1 YN8 E . -16.28 -2.93 -9.93
C9 YN8 E . -13.70 0.78 -11.01
N4 YN8 E . -14.95 0.71 -11.52
C11 YN8 E . -16.82 -0.53 -12.38
C12 YN8 E . -18.00 -0.69 -11.48
C14 YN8 E . -15.25 -3.33 -13.32
C16 YN8 E . -14.25 -3.20 -15.49
CL1 YN8 E . -13.18 -2.45 -16.59
F1 YN8 E . -14.88 -4.66 -17.20
C18 YN8 E . -15.89 -4.88 -15.08
C19 YN8 E . -16.03 -4.42 -13.76
N SAM F . 12.29 2.39 -17.30
CA SAM F . 12.25 1.12 -18.08
C SAM F . 12.90 1.33 -19.45
O SAM F . 12.41 0.74 -20.44
OXT SAM F . 13.93 2.05 -19.48
CB SAM F . 10.80 0.63 -18.19
CG SAM F . 10.21 0.16 -16.86
SD SAM F . 10.98 -1.35 -16.18
CE SAM F . 10.33 -2.57 -17.32
C5' SAM F . 9.79 -1.43 -14.84
C4' SAM F . 10.06 -2.52 -13.84
O4' SAM F . 10.11 -3.79 -14.52
C3' SAM F . 11.37 -2.43 -13.06
O3' SAM F . 11.27 -1.58 -11.94
C2' SAM F . 11.55 -3.89 -12.65
O2' SAM F . 10.70 -4.25 -11.58
C1' SAM F . 11.08 -4.62 -13.91
N9 SAM F . 12.16 -4.94 -14.85
C8 SAM F . 13.38 -4.34 -15.00
N7 SAM F . 14.13 -4.94 -15.89
C5 SAM F . 13.37 -6.01 -16.33
C6 SAM F . 13.62 -7.03 -17.26
N6 SAM F . 14.78 -7.17 -17.91
N1 SAM F . 12.66 -7.95 -17.44
C2 SAM F . 11.50 -7.80 -16.77
N3 SAM F . 11.14 -6.89 -15.89
C4 SAM F . 12.14 -6.01 -15.70
CL CL G . -10.71 -15.47 1.97
CL CL H . 8.00 18.96 16.44
CL CL I . 9.60 3.79 -17.69
CL CL J . -10.91 -16.81 8.44
CL CL K . 7.24 -0.20 -12.71
NA NA L . 7.67 2.37 -14.80
#